data_7DJZ
#
_entry.id   7DJZ
#
_cell.length_a   65.622
_cell.length_b   86.833
_cell.length_c   293.278
_cell.angle_alpha   90.000
_cell.angle_beta   90.000
_cell.angle_gamma   90.000
#
_symmetry.space_group_name_H-M   'C 2 2 21'
#
loop_
_entity.id
_entity.type
_entity.pdbx_description
1 polymer 'MW01 heavy chain'
2 polymer 'MW01 light chain'
3 polymer 'Spike protein S1'
4 non-polymer 'CITRIC ACID'
5 non-polymer 2-acetamido-2-deoxy-beta-D-glucopyranose
6 water water
#
loop_
_entity_poly.entity_id
_entity_poly.type
_entity_poly.pdbx_seq_one_letter_code
_entity_poly.pdbx_strand_id
1 'polypeptide(L)'
;EVQLVQSGAEVKKPGSSVKVSCKASGGTFSSFSISWVRQAPGQGLEWMGRIIPVLGIANYAQEVQGRVTITADKSTSTAY
MELSSLRSEDTAVYFCTTDRFVEPATGPFFDYWGQGTLVTVSSASTKGPSVFPLAPSSKSTSGGTAALGCLVKDYFPEPV
TVSWNSGALTSGVHTFPAVLQSSGLYSLSSVVTVPSSSLGTQTYICNVNHKPSNTKVDKKVEPKSC
;
A
2 'polypeptide(L)'
;EIVMTQSPATLSVSPGERATLSCRASQSVSSNLAWYQQKPGQAPRLLIYGASTRATGIPARFSGSGSGTEFTLTISSLQS
EDFAVYYCQQYSNWLTFGGGTKVEIKRTVAAPSVFIFPPSDEQLKSGTASVVCLLNNFYPREAKVQWKVDNALQSGNSQE
SVTEQDSKDSTYSLSSTLTLSKADYEKHKVYACEVTHQGLSSPVTKSFNRGEC
;
B
3 'polypeptide(L)'
;RVQPTESIVRFPNITNLCPFGEVFNATRFASVYAWNRKRISNCVADYSVLYNSASFSTFKCYGVSPTKLNDLCFTNVYAD
SFVIRGDEVRQIAPGQTGKIADYNYKLPDDFTGCVIAWNSNNLDSKVGGNYNYLYRLFRKSNLKPFERDISTEIYQAGST
PCNGVEGFNCYFPLQSYGFQPTNGVGYQPYRVVVLSFELLHAPATVCGPKKSTNLVKNKCVNF
;
C
#
# COMPACT_ATOMS: atom_id res chain seq x y z
N GLU A 1 0.80 -3.39 -16.64
CA GLU A 1 -0.13 -2.46 -17.25
C GLU A 1 0.13 -1.03 -16.76
N VAL A 2 -0.37 -0.71 -15.58
CA VAL A 2 -0.21 0.62 -14.99
C VAL A 2 1.12 0.67 -14.26
N GLN A 3 1.90 1.72 -14.51
CA GLN A 3 3.20 1.94 -13.89
C GLN A 3 3.11 3.20 -13.04
N LEU A 4 3.38 3.07 -11.75
CA LEU A 4 3.30 4.19 -10.81
C LEU A 4 4.71 4.59 -10.38
N VAL A 5 5.07 5.82 -10.68
CA VAL A 5 6.38 6.37 -10.34
C VAL A 5 6.19 7.50 -9.33
N GLN A 6 6.85 7.39 -8.19
CA GLN A 6 6.71 8.34 -7.12
C GLN A 6 7.92 9.26 -7.04
N SER A 7 7.75 10.37 -6.33
CA SER A 7 8.83 11.29 -6.06
C SER A 7 9.87 10.65 -5.14
N GLY A 8 11.02 11.32 -5.02
CA GLY A 8 12.13 10.77 -4.28
C GLY A 8 12.01 10.96 -2.77
N ALA A 9 12.97 10.40 -2.06
CA ALA A 9 12.95 10.40 -0.61
C ALA A 9 13.10 11.82 -0.05
N GLU A 10 12.62 12.01 1.17
CA GLU A 10 12.55 13.31 1.81
C GLU A 10 13.06 13.22 3.23
N VAL A 11 13.90 14.18 3.61
CA VAL A 11 14.31 14.38 5.00
C VAL A 11 13.72 15.71 5.44
N LYS A 12 12.93 15.68 6.52
CA LYS A 12 12.15 16.83 6.95
C LYS A 12 12.27 17.01 8.45
N LYS A 13 12.07 18.24 8.90
CA LYS A 13 12.09 18.58 10.31
C LYS A 13 10.70 18.42 10.91
N PRO A 14 10.59 18.18 12.22
CA PRO A 14 9.27 18.12 12.85
C PRO A 14 8.51 19.42 12.68
N GLY A 15 7.18 19.30 12.60
CA GLY A 15 6.33 20.44 12.39
C GLY A 15 6.18 20.88 10.94
N SER A 16 7.07 20.45 10.05
CA SER A 16 6.99 20.85 8.65
C SER A 16 6.04 19.92 7.89
N SER A 17 5.96 20.11 6.58
CA SER A 17 5.07 19.34 5.72
C SER A 17 5.83 18.82 4.52
N VAL A 18 5.31 17.74 3.92
CA VAL A 18 5.89 17.14 2.74
C VAL A 18 4.77 16.76 1.78
N LYS A 19 5.06 16.82 0.48
CA LYS A 19 4.09 16.47 -0.56
C LYS A 19 4.73 15.47 -1.50
N VAL A 20 4.14 14.29 -1.60
CA VAL A 20 4.69 13.18 -2.37
C VAL A 20 3.83 12.97 -3.61
N SER A 21 4.47 12.84 -4.76
CA SER A 21 3.76 12.72 -6.03
C SER A 21 3.78 11.29 -6.52
N CYS A 22 2.78 10.94 -7.33
CA CYS A 22 2.68 9.59 -7.88
C CYS A 22 2.07 9.71 -9.27
N LYS A 23 2.89 9.46 -10.30
CA LYS A 23 2.48 9.64 -11.68
C LYS A 23 2.27 8.28 -12.34
N ALA A 24 1.14 8.12 -13.01
CA ALA A 24 0.83 6.91 -13.78
C ALA A 24 1.43 7.06 -15.17
N SER A 25 2.48 6.29 -15.45
CA SER A 25 3.22 6.44 -16.71
C SER A 25 2.38 6.13 -17.94
N GLY A 26 1.24 5.46 -17.78
CA GLY A 26 0.40 5.15 -18.90
C GLY A 26 -0.50 6.26 -19.38
N GLY A 27 -0.44 7.44 -18.77
CA GLY A 27 -1.37 8.50 -19.06
C GLY A 27 -2.72 8.39 -18.36
N THR A 28 -2.92 7.33 -17.57
CA THR A 28 -4.15 7.12 -16.82
C THR A 28 -3.88 6.13 -15.70
N PHE A 29 -4.70 6.21 -14.65
CA PHE A 29 -4.62 5.25 -13.55
C PHE A 29 -5.53 4.05 -13.75
N SER A 30 -6.63 4.22 -14.50
CA SER A 30 -7.55 3.13 -14.81
C SER A 30 -8.08 2.48 -13.53
N SER A 31 -8.40 3.31 -12.56
CA SER A 31 -8.98 2.82 -11.32
C SER A 31 -10.05 3.79 -10.85
N PHE A 32 -10.97 3.25 -10.03
CA PHE A 32 -11.98 4.08 -9.39
C PHE A 32 -11.34 5.08 -8.43
N SER A 33 -10.28 4.66 -7.74
CA SER A 33 -9.63 5.54 -6.77
C SER A 33 -8.17 5.14 -6.60
N ILE A 34 -7.44 6.02 -5.93
CA ILE A 34 -6.00 5.90 -5.74
C ILE A 34 -5.73 6.07 -4.25
N SER A 35 -5.09 5.09 -3.64
CA SER A 35 -4.84 5.13 -2.21
C SER A 35 -3.37 5.43 -1.92
N TRP A 36 -3.11 5.86 -0.69
CA TRP A 36 -1.77 6.02 -0.14
C TRP A 36 -1.65 5.13 1.07
N VAL A 37 -0.64 4.25 1.06
CA VAL A 37 -0.42 3.28 2.12
C VAL A 37 0.97 3.50 2.68
N ARG A 38 1.07 3.53 4.01
CA ARG A 38 2.36 3.80 4.64
C ARG A 38 2.82 2.59 5.43
N GLN A 39 4.13 2.47 5.56
CA GLN A 39 4.75 1.34 6.25
C GLN A 39 5.93 1.88 7.05
N ALA A 40 5.77 1.94 8.37
CA ALA A 40 6.88 2.32 9.24
C ALA A 40 7.95 1.24 9.18
N PRO A 41 9.22 1.59 9.45
CA PRO A 41 10.30 0.62 9.33
C PRO A 41 10.03 -0.64 10.15
N GLY A 42 10.13 -1.79 9.49
CA GLY A 42 9.88 -3.07 10.12
C GLY A 42 8.43 -3.39 10.40
N GLN A 43 7.50 -2.49 10.10
CA GLN A 43 6.09 -2.65 10.43
C GLN A 43 5.29 -3.11 9.22
N GLY A 44 3.99 -3.31 9.44
CA GLY A 44 3.07 -3.67 8.38
C GLY A 44 2.54 -2.47 7.63
N LEU A 45 1.45 -2.69 6.91
CA LEU A 45 0.88 -1.70 6.00
C LEU A 45 -0.33 -1.03 6.64
N GLU A 46 -0.39 0.29 6.57
CA GLU A 46 -1.49 1.07 7.12
C GLU A 46 -2.06 1.96 6.02
N TRP A 47 -3.34 1.75 5.70
CA TRP A 47 -4.03 2.60 4.74
C TRP A 47 -4.20 4.00 5.32
N MET A 48 -3.91 5.02 4.51
CA MET A 48 -4.04 6.40 4.95
C MET A 48 -5.25 7.11 4.37
N GLY A 49 -5.59 6.81 3.12
CA GLY A 49 -6.65 7.53 2.46
C GLY A 49 -6.65 7.22 0.98
N ARG A 50 -7.73 7.63 0.32
CA ARG A 50 -7.85 7.50 -1.12
C ARG A 50 -8.51 8.77 -1.67
N ILE A 51 -8.25 9.04 -2.95
CA ILE A 51 -8.97 10.07 -3.68
C ILE A 51 -9.72 9.41 -4.82
N ILE A 52 -10.97 9.83 -5.00
CA ILE A 52 -11.78 9.41 -6.13
C ILE A 52 -11.72 10.53 -7.15
N PRO A 53 -10.86 10.43 -8.17
CA PRO A 53 -10.64 11.58 -9.08
C PRO A 53 -11.90 12.06 -9.77
N VAL A 54 -12.78 11.14 -10.17
CA VAL A 54 -14.00 11.53 -10.86
C VAL A 54 -14.82 12.49 -10.01
N LEU A 55 -14.90 12.24 -8.70
CA LEU A 55 -15.66 13.10 -7.79
C LEU A 55 -14.83 14.20 -7.16
N GLY A 56 -13.50 14.12 -7.21
CA GLY A 56 -12.68 15.06 -6.48
C GLY A 56 -12.80 14.94 -4.98
N ILE A 57 -13.30 13.82 -4.48
CA ILE A 57 -13.52 13.59 -3.05
C ILE A 57 -12.43 12.67 -2.51
N ALA A 58 -11.87 13.02 -1.36
CA ALA A 58 -10.84 12.23 -0.70
C ALA A 58 -11.32 11.79 0.67
N ASN A 59 -11.21 10.49 0.94
CA ASN A 59 -11.51 9.93 2.25
C ASN A 59 -10.20 9.61 2.96
N TYR A 60 -10.10 9.99 4.23
CA TYR A 60 -8.87 9.79 5.00
C TYR A 60 -9.16 8.90 6.20
N ALA A 61 -8.12 8.21 6.64
CA ALA A 61 -8.21 7.39 7.84
C ALA A 61 -8.14 8.28 9.08
N GLN A 62 -8.66 7.75 10.19
CA GLN A 62 -8.76 8.54 11.41
C GLN A 62 -7.40 9.00 11.93
N GLU A 63 -6.35 8.19 11.71
CA GLU A 63 -5.02 8.48 12.26
C GLU A 63 -4.35 9.69 11.64
N VAL A 64 -4.90 10.28 10.59
CA VAL A 64 -4.18 11.32 9.86
C VAL A 64 -5.12 12.45 9.45
N GLN A 65 -6.42 12.26 9.67
CA GLN A 65 -7.39 13.29 9.30
C GLN A 65 -7.02 14.61 9.96
N GLY A 66 -7.07 15.69 9.18
CA GLY A 66 -6.59 16.97 9.62
C GLY A 66 -5.13 17.24 9.27
N ARG A 67 -4.33 16.20 9.12
CA ARG A 67 -2.92 16.34 8.79
C ARG A 67 -2.59 16.00 7.34
N VAL A 68 -3.51 15.36 6.62
CA VAL A 68 -3.21 14.78 5.32
C VAL A 68 -4.20 15.32 4.28
N THR A 69 -3.69 15.52 3.07
CA THR A 69 -4.49 16.00 1.94
C THR A 69 -4.06 15.21 0.71
N ILE A 70 -5.00 14.48 0.11
CA ILE A 70 -4.74 13.71 -1.09
C ILE A 70 -5.46 14.36 -2.26
N THR A 71 -4.72 14.63 -3.34
CA THR A 71 -5.28 15.29 -4.51
C THR A 71 -4.88 14.52 -5.76
N ALA A 72 -5.46 14.92 -6.88
CA ALA A 72 -5.18 14.27 -8.16
C ALA A 72 -5.41 15.26 -9.28
N ASP A 73 -4.35 15.53 -10.05
CA ASP A 73 -4.46 16.39 -11.23
CA ASP A 73 -4.45 16.39 -11.23
C ASP A 73 -4.73 15.50 -12.43
N LYS A 74 -5.97 15.55 -12.93
CA LYS A 74 -6.37 14.70 -14.04
C LYS A 74 -5.56 15.02 -15.31
N SER A 75 -5.11 16.25 -15.46
CA SER A 75 -4.40 16.64 -16.68
C SER A 75 -3.03 15.95 -16.78
N THR A 76 -2.34 15.81 -15.67
CA THR A 76 -1.01 15.21 -15.68
CA THR A 76 -1.00 15.22 -15.64
C THR A 76 -0.99 13.77 -15.18
N SER A 77 -2.16 13.20 -14.87
CA SER A 77 -2.26 11.83 -14.38
C SER A 77 -1.36 11.59 -13.18
N THR A 78 -1.46 12.48 -12.19
CA THR A 78 -0.60 12.46 -11.02
C THR A 78 -1.43 12.63 -9.76
N ALA A 79 -1.20 11.75 -8.79
CA ALA A 79 -1.80 11.87 -7.48
C ALA A 79 -0.77 12.39 -6.49
N TYR A 80 -1.22 13.16 -5.51
CA TYR A 80 -0.35 13.75 -4.53
C TYR A 80 -0.84 13.41 -3.13
N MET A 81 0.11 13.32 -2.20
CA MET A 81 -0.18 13.10 -0.79
C MET A 81 0.61 14.13 0.00
N GLU A 82 -0.09 15.02 0.69
CA GLU A 82 0.53 16.08 1.46
C GLU A 82 0.30 15.81 2.93
N LEU A 83 1.37 15.44 3.64
CA LEU A 83 1.32 15.22 5.07
C LEU A 83 1.97 16.42 5.76
N SER A 84 1.32 16.94 6.80
CA SER A 84 1.75 18.14 7.48
C SER A 84 1.79 17.90 8.98
N SER A 85 2.29 18.91 9.71
CA SER A 85 2.57 18.79 11.14
C SER A 85 3.37 17.53 11.41
N LEU A 86 4.43 17.34 10.63
CA LEU A 86 5.19 16.10 10.65
C LEU A 86 5.81 15.89 12.02
N ARG A 87 5.62 14.69 12.54
CA ARG A 87 6.29 14.22 13.75
C ARG A 87 7.21 13.07 13.37
N SER A 88 8.09 12.69 14.31
CA SER A 88 9.05 11.64 14.01
C SER A 88 8.36 10.30 13.76
N GLU A 89 7.15 10.12 14.30
CA GLU A 89 6.42 8.87 14.09
C GLU A 89 6.03 8.68 12.63
N ASP A 90 5.96 9.76 11.85
CA ASP A 90 5.63 9.68 10.43
C ASP A 90 6.76 9.15 9.58
N THR A 91 7.93 8.86 10.17
CA THR A 91 9.02 8.23 9.45
C THR A 91 8.58 6.86 8.94
N ALA A 92 8.47 6.72 7.63
CA ALA A 92 7.93 5.51 7.02
C ALA A 92 8.15 5.61 5.51
N VAL A 93 7.85 4.51 4.83
CA VAL A 93 7.75 4.51 3.37
C VAL A 93 6.29 4.68 3.01
N TYR A 94 6.03 5.52 2.02
CA TYR A 94 4.66 5.82 1.58
C TYR A 94 4.50 5.32 0.14
N PHE A 95 3.50 4.47 -0.07
CA PHE A 95 3.19 3.90 -1.37
C PHE A 95 1.88 4.48 -1.89
N CYS A 96 1.81 4.73 -3.19
CA CYS A 96 0.55 4.95 -3.87
C CYS A 96 0.12 3.67 -4.56
N THR A 97 -1.20 3.48 -4.65
CA THR A 97 -1.79 2.26 -5.19
C THR A 97 -3.01 2.62 -6.01
N THR A 98 -3.25 1.85 -7.07
CA THR A 98 -4.52 1.87 -7.75
C THR A 98 -5.47 0.90 -7.04
N ASP A 99 -6.67 1.37 -6.72
CA ASP A 99 -7.64 0.56 -5.99
C ASP A 99 -8.52 -0.22 -6.95
N ARG A 100 -8.89 -1.43 -6.55
CA ARG A 100 -9.83 -2.24 -7.29
C ARG A 100 -10.90 -2.76 -6.35
N PHE A 101 -12.15 -2.72 -6.80
CA PHE A 101 -13.30 -3.13 -6.00
C PHE A 101 -14.07 -4.24 -6.70
N VAL A 102 -14.60 -5.17 -5.92
CA VAL A 102 -15.44 -6.25 -6.44
C VAL A 102 -16.75 -6.19 -5.67
N GLU A 103 -17.79 -5.66 -6.32
CA GLU A 103 -19.12 -5.61 -5.74
C GLU A 103 -19.54 -7.00 -5.28
N PRO A 104 -20.15 -7.14 -4.10
CA PRO A 104 -20.60 -6.05 -3.23
C PRO A 104 -19.65 -5.74 -2.07
N ALA A 105 -18.50 -6.41 -2.03
CA ALA A 105 -17.50 -6.12 -1.01
C ALA A 105 -17.13 -4.64 -1.06
N THR A 106 -16.97 -4.03 0.11
CA THR A 106 -16.80 -2.59 0.20
C THR A 106 -15.35 -2.16 0.35
N GLY A 107 -14.43 -3.10 0.55
CA GLY A 107 -13.03 -2.76 0.66
C GLY A 107 -12.33 -2.82 -0.67
N PRO A 108 -11.25 -2.05 -0.80
CA PRO A 108 -10.38 -2.19 -1.97
C PRO A 108 -9.25 -3.18 -1.74
N PHE A 109 -8.81 -3.79 -2.83
CA PHE A 109 -7.48 -4.38 -2.87
C PHE A 109 -6.66 -3.62 -3.90
N PHE A 110 -5.34 -3.72 -3.78
CA PHE A 110 -4.42 -2.84 -4.49
C PHE A 110 -3.62 -3.67 -5.49
N ASP A 111 -3.97 -3.55 -6.77
CA ASP A 111 -3.37 -4.37 -7.81
C ASP A 111 -2.13 -3.74 -8.44
N TYR A 112 -1.87 -2.45 -8.22
CA TYR A 112 -0.65 -1.82 -8.71
C TYR A 112 -0.12 -0.86 -7.67
N TRP A 113 1.20 -0.86 -7.49
CA TRP A 113 1.86 -0.08 -6.45
C TRP A 113 2.99 0.75 -7.05
N GLY A 114 3.13 1.98 -6.58
CA GLY A 114 4.34 2.73 -6.82
C GLY A 114 5.52 2.11 -6.10
N GLN A 115 6.71 2.64 -6.37
CA GLN A 115 7.92 2.07 -5.79
C GLN A 115 8.13 2.47 -4.34
N GLY A 116 7.39 3.45 -3.84
CA GLY A 116 7.56 3.87 -2.47
C GLY A 116 8.40 5.12 -2.33
N THR A 117 8.09 5.92 -1.32
CA THR A 117 8.82 7.15 -1.03
C THR A 117 9.12 7.17 0.46
N LEU A 118 10.40 7.20 0.80
CA LEU A 118 10.81 7.25 2.20
C LEU A 118 10.72 8.68 2.70
N VAL A 119 10.10 8.86 3.86
CA VAL A 119 9.98 10.16 4.50
C VAL A 119 10.58 10.01 5.89
N THR A 120 11.75 10.63 6.09
CA THR A 120 12.41 10.64 7.39
C THR A 120 12.15 11.98 8.06
N VAL A 121 11.62 11.93 9.29
CA VAL A 121 11.35 13.13 10.08
C VAL A 121 12.26 13.08 11.30
N SER A 122 13.04 14.15 11.49
CA SER A 122 13.98 14.22 12.61
C SER A 122 14.41 15.65 12.82
N SER A 123 14.65 16.01 14.09
CA SER A 123 15.23 17.30 14.41
C SER A 123 16.73 17.35 14.18
N ALA A 124 17.37 16.21 13.92
CA ALA A 124 18.80 16.17 13.65
C ALA A 124 19.15 16.95 12.39
N SER A 125 20.37 17.46 12.35
CA SER A 125 20.91 18.16 11.20
C SER A 125 21.99 17.31 10.52
N THR A 126 22.28 17.66 9.27
CA THR A 126 23.20 16.88 8.46
C THR A 126 24.60 16.90 9.07
N LYS A 127 25.10 15.73 9.44
CA LYS A 127 26.41 15.59 10.08
C LYS A 127 27.14 14.40 9.48
N GLY A 128 28.44 14.56 9.27
CA GLY A 128 29.27 13.47 8.79
C GLY A 128 29.66 12.53 9.92
N PRO A 129 30.06 11.31 9.59
CA PRO A 129 30.41 10.33 10.61
C PRO A 129 31.86 10.45 11.08
N SER A 130 32.11 9.86 12.24
CA SER A 130 33.46 9.55 12.70
C SER A 130 33.68 8.06 12.49
N VAL A 131 34.88 7.71 12.02
CA VAL A 131 35.22 6.32 11.73
C VAL A 131 36.27 5.87 12.72
N PHE A 132 35.94 4.86 13.53
CA PHE A 132 36.86 4.27 14.48
C PHE A 132 37.14 2.82 14.11
N PRO A 133 38.34 2.32 14.41
CA PRO A 133 38.68 0.95 14.02
C PRO A 133 38.13 -0.08 15.01
N LEU A 134 37.87 -1.27 14.49
CA LEU A 134 37.57 -2.45 15.29
C LEU A 134 38.75 -3.40 15.05
N ALA A 135 39.76 -3.29 15.87
CA ALA A 135 41.03 -3.92 15.54
C ALA A 135 41.03 -5.38 15.96
N PRO A 136 41.63 -6.26 15.17
CA PRO A 136 41.74 -7.67 15.55
C PRO A 136 42.76 -7.86 16.66
N SER A 137 42.59 -8.96 17.40
CA SER A 137 43.52 -9.34 18.46
C SER A 137 43.57 -10.86 18.60
N SER A 138 43.59 -11.35 19.84
CA SER A 138 43.51 -12.78 20.14
C SER A 138 42.12 -13.22 20.55
N LYS A 139 41.41 -12.41 21.34
CA LYS A 139 39.98 -12.56 21.59
C LYS A 139 39.15 -12.21 20.36
N SER A 140 39.80 -11.75 19.30
CA SER A 140 39.17 -11.47 18.00
C SER A 140 39.54 -12.52 16.96
N THR A 141 40.13 -13.65 17.38
CA THR A 141 40.39 -14.78 16.50
C THR A 141 39.59 -15.99 16.97
N SER A 142 39.19 -16.84 16.02
CA SER A 142 38.37 -18.03 16.27
C SER A 142 38.88 -19.11 15.32
N GLY A 143 39.99 -19.76 15.72
CA GLY A 143 40.70 -20.66 14.84
C GLY A 143 41.73 -19.91 14.03
N GLY A 144 41.83 -20.24 12.73
CA GLY A 144 42.72 -19.53 11.85
C GLY A 144 42.14 -18.27 11.26
N THR A 145 41.00 -17.81 11.76
CA THR A 145 40.29 -16.68 11.20
C THR A 145 40.16 -15.58 12.24
N ALA A 146 40.47 -14.36 11.85
CA ALA A 146 40.30 -13.19 12.70
C ALA A 146 39.18 -12.32 12.16
N ALA A 147 38.68 -11.43 13.01
CA ALA A 147 37.63 -10.50 12.64
C ALA A 147 38.10 -9.08 12.90
N LEU A 148 37.78 -8.17 11.99
CA LEU A 148 38.09 -6.77 12.16
C LEU A 148 36.97 -5.96 11.52
N GLY A 149 37.02 -4.65 11.68
CA GLY A 149 35.99 -3.84 11.08
C GLY A 149 36.13 -2.38 11.39
N CYS A 150 35.07 -1.64 11.04
CA CYS A 150 35.00 -0.20 11.22
C CYS A 150 33.70 0.16 11.91
N LEU A 151 33.76 1.14 12.81
CA LEU A 151 32.60 1.68 13.49
C LEU A 151 32.34 3.06 12.95
N VAL A 152 31.20 3.24 12.29
CA VAL A 152 30.84 4.48 11.61
C VAL A 152 29.76 5.14 12.45
N LYS A 153 30.13 6.16 13.23
CA LYS A 153 29.29 6.66 14.31
C LYS A 153 28.92 8.13 14.11
N ASP A 154 27.70 8.47 14.56
CA ASP A 154 27.25 9.84 14.74
C ASP A 154 27.14 10.59 13.40
N TYR A 155 26.30 10.06 12.52
CA TYR A 155 26.03 10.72 11.24
C TYR A 155 24.52 10.84 11.04
N PHE A 156 24.16 11.69 10.10
CA PHE A 156 22.77 11.95 9.75
C PHE A 156 22.77 12.76 8.45
N PRO A 157 21.88 12.44 7.50
CA PRO A 157 20.93 11.33 7.59
C PRO A 157 21.49 10.05 7.01
N GLU A 158 20.66 9.02 6.89
CA GLU A 158 21.05 7.84 6.14
C GLU A 158 21.15 8.19 4.65
N PRO A 159 21.96 7.44 3.89
CA PRO A 159 22.81 6.33 4.32
C PRO A 159 24.30 6.64 4.26
N VAL A 160 25.10 5.71 4.76
CA VAL A 160 26.52 5.64 4.45
C VAL A 160 26.76 4.34 3.72
N THR A 161 27.74 4.35 2.83
CA THR A 161 28.22 3.13 2.20
C THR A 161 29.62 2.81 2.72
N VAL A 162 29.92 1.52 2.79
CA VAL A 162 31.22 1.05 3.25
C VAL A 162 31.70 -0.05 2.31
N SER A 163 32.92 0.10 1.82
CA SER A 163 33.61 -0.96 1.11
C SER A 163 34.94 -1.23 1.80
N TRP A 164 35.60 -2.31 1.38
CA TRP A 164 36.86 -2.71 1.96
C TRP A 164 37.90 -2.83 0.85
N ASN A 165 39.03 -2.14 1.05
CA ASN A 165 40.13 -2.14 0.10
C ASN A 165 39.65 -1.69 -1.28
N SER A 166 38.86 -0.62 -1.29
CA SER A 166 38.35 -0.01 -2.52
C SER A 166 37.63 -1.04 -3.38
N GLY A 167 36.84 -1.90 -2.74
CA GLY A 167 36.07 -2.90 -3.43
C GLY A 167 36.79 -4.21 -3.67
N ALA A 168 38.10 -4.27 -3.41
CA ALA A 168 38.85 -5.50 -3.67
C ALA A 168 38.44 -6.63 -2.72
N LEU A 169 38.05 -6.29 -1.50
CA LEU A 169 37.69 -7.28 -0.49
C LEU A 169 36.18 -7.28 -0.30
N THR A 170 35.54 -8.41 -0.60
CA THR A 170 34.08 -8.47 -0.50
C THR A 170 33.57 -9.68 0.26
N SER A 171 34.22 -10.83 0.12
CA SER A 171 33.75 -12.03 0.82
C SER A 171 34.10 -11.94 2.30
N GLY A 172 33.16 -12.36 3.14
CA GLY A 172 33.30 -12.22 4.57
C GLY A 172 32.92 -10.87 5.13
N VAL A 173 32.50 -9.94 4.27
CA VAL A 173 32.11 -8.60 4.72
C VAL A 173 30.66 -8.63 5.15
N HIS A 174 30.38 -8.02 6.30
CA HIS A 174 29.01 -7.79 6.78
C HIS A 174 28.92 -6.32 7.17
N THR A 175 28.12 -5.57 6.43
CA THR A 175 27.80 -4.19 6.80
C THR A 175 26.40 -4.19 7.39
N PHE A 176 26.30 -3.89 8.67
CA PHE A 176 25.06 -4.03 9.40
C PHE A 176 24.13 -2.85 9.14
N PRO A 177 22.82 -3.05 9.28
CA PRO A 177 21.88 -1.92 9.25
C PRO A 177 22.24 -0.91 10.34
N ALA A 178 22.11 0.37 9.99
CA ALA A 178 22.37 1.42 10.97
C ALA A 178 21.35 1.36 12.10
N VAL A 179 21.77 1.81 13.27
CA VAL A 179 20.88 1.98 14.41
C VAL A 179 20.73 3.46 14.68
N LEU A 180 19.53 3.87 15.04
CA LEU A 180 19.27 5.24 15.44
C LEU A 180 19.51 5.35 16.94
N GLN A 181 20.41 6.25 17.32
CA GLN A 181 20.74 6.45 18.73
C GLN A 181 19.78 7.47 19.34
N SER A 182 19.67 7.43 20.66
CA SER A 182 18.81 8.37 21.37
C SER A 182 19.22 9.82 21.14
N SER A 183 20.43 10.06 20.60
CA SER A 183 20.86 11.38 20.20
C SER A 183 20.29 11.83 18.87
N GLY A 184 19.61 10.96 18.14
CA GLY A 184 19.11 11.29 16.83
C GLY A 184 20.10 11.08 15.70
N LEU A 185 21.33 10.67 16.00
CA LEU A 185 22.33 10.38 15.00
C LEU A 185 22.43 8.88 14.78
N TYR A 186 22.83 8.49 13.57
CA TYR A 186 22.91 7.09 13.19
C TYR A 186 24.30 6.53 13.48
N SER A 187 24.37 5.20 13.50
CA SER A 187 25.60 4.50 13.80
C SER A 187 25.50 3.09 13.24
N LEU A 188 26.50 2.68 12.48
CA LEU A 188 26.59 1.30 12.03
C LEU A 188 28.03 0.83 12.14
N SER A 189 28.20 -0.48 12.01
CA SER A 189 29.51 -1.09 11.96
C SER A 189 29.60 -1.97 10.72
N SER A 190 30.79 -2.08 10.17
CA SER A 190 31.07 -3.00 9.07
C SER A 190 32.27 -3.84 9.44
N VAL A 191 32.12 -5.16 9.37
CA VAL A 191 33.15 -6.09 9.80
C VAL A 191 33.49 -7.03 8.66
N VAL A 192 34.64 -7.68 8.78
CA VAL A 192 35.08 -8.69 7.81
C VAL A 192 35.95 -9.69 8.53
N THR A 193 35.73 -10.97 8.24
CA THR A 193 36.55 -12.05 8.79
C THR A 193 37.62 -12.43 7.78
N VAL A 194 38.87 -12.46 8.24
CA VAL A 194 40.02 -12.77 7.39
C VAL A 194 40.83 -13.86 8.08
N PRO A 195 41.72 -14.53 7.36
CA PRO A 195 42.67 -15.42 8.03
C PRO A 195 43.58 -14.63 8.95
N SER A 196 43.68 -15.10 10.20
CA SER A 196 44.61 -14.48 11.13
C SER A 196 46.06 -14.66 10.69
N SER A 197 46.33 -15.66 9.85
CA SER A 197 47.66 -15.92 9.29
C SER A 197 48.11 -14.84 8.30
N SER A 198 47.38 -13.72 8.16
CA SER A 198 47.77 -12.67 7.24
C SER A 198 47.46 -11.29 7.81
N LEU A 199 47.45 -11.15 9.13
CA LEU A 199 47.16 -9.87 9.74
C LEU A 199 48.35 -8.91 9.69
N GLY A 200 49.53 -9.39 9.29
CA GLY A 200 50.66 -8.52 9.06
C GLY A 200 50.94 -8.39 7.58
N THR A 201 50.60 -9.44 6.85
CA THR A 201 50.71 -9.46 5.39
C THR A 201 49.77 -8.43 4.76
N GLN A 202 48.47 -8.67 4.85
CA GLN A 202 47.47 -7.85 4.18
C GLN A 202 47.21 -6.56 4.95
N THR A 203 46.93 -5.50 4.20
CA THR A 203 46.46 -4.25 4.75
C THR A 203 44.95 -4.16 4.53
N TYR A 204 44.24 -3.71 5.56
CA TYR A 204 42.79 -3.65 5.53
C TYR A 204 42.34 -2.21 5.74
N ILE A 205 41.68 -1.64 4.73
CA ILE A 205 41.19 -0.27 4.76
C ILE A 205 39.70 -0.30 4.44
N CYS A 206 38.90 0.34 5.29
CA CYS A 206 37.48 0.47 5.04
C CYS A 206 37.23 1.85 4.43
N ASN A 207 36.46 1.87 3.35
CA ASN A 207 36.18 3.09 2.60
C ASN A 207 34.77 3.53 2.91
N VAL A 208 34.65 4.63 3.66
CA VAL A 208 33.37 5.13 4.14
C VAL A 208 32.99 6.37 3.33
N ASN A 209 31.77 6.39 2.80
CA ASN A 209 31.25 7.52 2.04
C ASN A 209 29.89 7.89 2.59
N HIS A 210 29.75 9.13 3.06
CA HIS A 210 28.47 9.69 3.50
C HIS A 210 28.15 10.85 2.56
N LYS A 211 27.43 10.54 1.48
CA LYS A 211 27.12 11.54 0.47
C LYS A 211 26.36 12.76 0.99
N PRO A 212 25.41 12.66 1.93
CA PRO A 212 24.68 13.86 2.35
C PRO A 212 25.55 14.96 2.93
N SER A 213 26.74 14.64 3.46
CA SER A 213 27.63 15.66 4.02
C SER A 213 28.96 15.73 3.29
N ASN A 214 29.09 15.06 2.14
CA ASN A 214 30.32 15.06 1.36
C ASN A 214 31.51 14.63 2.21
N THR A 215 31.29 13.60 3.02
CA THR A 215 32.30 13.05 3.92
C THR A 215 32.77 11.72 3.36
N LYS A 216 34.06 11.62 3.07
CA LYS A 216 34.69 10.36 2.68
C LYS A 216 35.88 10.11 3.57
N VAL A 217 35.96 8.92 4.15
CA VAL A 217 37.03 8.55 5.06
C VAL A 217 37.57 7.19 4.65
N ASP A 218 38.89 7.07 4.60
CA ASP A 218 39.58 5.79 4.43
C ASP A 218 40.30 5.49 5.75
N LYS A 219 39.90 4.39 6.39
CA LYS A 219 40.42 4.03 7.71
C LYS A 219 41.19 2.72 7.61
N LYS A 220 42.48 2.78 7.92
CA LYS A 220 43.27 1.55 8.04
C LYS A 220 43.00 0.92 9.40
N VAL A 221 42.79 -0.39 9.41
CA VAL A 221 42.49 -1.13 10.63
C VAL A 221 43.65 -2.09 10.86
N GLU A 222 44.46 -1.80 11.88
CA GLU A 222 45.60 -2.68 12.14
C GLU A 222 45.48 -3.34 13.51
N PRO A 223 46.01 -4.56 13.65
CA PRO A 223 45.87 -5.28 14.92
C PRO A 223 46.50 -4.53 16.09
N LYS A 224 46.15 -4.97 17.30
CA LYS A 224 46.52 -4.26 18.51
C LYS A 224 47.81 -4.80 19.10
N SER A 225 48.66 -3.88 19.57
CA SER A 225 49.90 -4.21 20.27
C SER A 225 50.41 -2.99 21.04
N GLU B 1 -14.97 -5.02 14.07
CA GLU B 1 -13.89 -5.04 13.10
C GLU B 1 -13.46 -6.46 12.77
N ILE B 2 -12.94 -6.65 11.56
CA ILE B 2 -12.42 -7.95 11.13
C ILE B 2 -10.92 -7.97 11.43
N VAL B 3 -10.50 -8.95 12.22
CA VAL B 3 -9.09 -9.13 12.59
C VAL B 3 -8.51 -10.26 11.75
N MET B 4 -7.38 -10.00 11.09
CA MET B 4 -6.71 -10.98 10.25
C MET B 4 -5.46 -11.49 10.97
N THR B 5 -5.37 -12.80 11.15
CA THR B 5 -4.28 -13.43 11.87
C THR B 5 -3.50 -14.34 10.93
N GLN B 6 -2.23 -14.03 10.71
CA GLN B 6 -1.36 -14.86 9.90
C GLN B 6 -0.46 -15.71 10.78
N SER B 7 -0.29 -16.98 10.39
CA SER B 7 0.59 -17.87 11.11
C SER B 7 1.36 -18.70 10.11
N PRO B 8 2.63 -19.03 10.41
CA PRO B 8 3.32 -18.50 11.58
C PRO B 8 3.91 -17.14 11.24
N ALA B 9 4.43 -16.41 12.25
CA ALA B 9 5.09 -15.14 11.94
C ALA B 9 6.26 -15.36 11.00
N THR B 10 7.06 -16.40 11.24
CA THR B 10 8.19 -16.76 10.39
C THR B 10 8.04 -18.22 9.96
N LEU B 11 8.13 -18.46 8.66
CA LEU B 11 8.05 -19.79 8.08
C LEU B 11 9.43 -20.12 7.50
N SER B 12 10.12 -21.08 8.12
CA SER B 12 11.44 -21.49 7.68
C SER B 12 11.31 -22.72 6.80
N VAL B 13 11.50 -22.55 5.50
CA VAL B 13 11.35 -23.63 4.52
C VAL B 13 12.58 -23.65 3.62
N SER B 14 13.02 -24.84 3.26
CA SER B 14 14.20 -24.95 2.42
C SER B 14 13.86 -24.69 0.95
N PRO B 15 14.83 -24.18 0.19
CA PRO B 15 14.59 -23.92 -1.23
C PRO B 15 14.11 -25.16 -1.97
N GLY B 16 13.18 -24.95 -2.90
CA GLY B 16 12.62 -26.02 -3.68
C GLY B 16 11.54 -26.83 -2.99
N GLU B 17 11.20 -26.51 -1.74
CA GLU B 17 10.17 -27.21 -1.01
C GLU B 17 8.81 -26.53 -1.21
N ARG B 18 7.77 -27.16 -0.65
CA ARG B 18 6.43 -26.57 -0.63
C ARG B 18 6.28 -25.67 0.59
N ALA B 19 5.66 -24.51 0.40
CA ALA B 19 5.40 -23.58 1.48
C ALA B 19 3.89 -23.39 1.64
N THR B 20 3.42 -23.40 2.89
CA THR B 20 2.01 -23.20 3.18
C THR B 20 1.87 -22.13 4.25
N LEU B 21 1.20 -21.04 3.90
CA LEU B 21 0.99 -19.91 4.79
C LEU B 21 -0.48 -19.84 5.15
N SER B 22 -0.76 -19.54 6.41
CA SER B 22 -2.12 -19.47 6.92
C SER B 22 -2.56 -18.03 7.14
N CYS B 23 -3.81 -17.74 6.78
CA CYS B 23 -4.45 -16.47 7.09
C CYS B 23 -5.84 -16.75 7.63
N ARG B 24 -6.10 -16.31 8.84
CA ARG B 24 -7.39 -16.51 9.50
C ARG B 24 -8.08 -15.17 9.69
N ALA B 25 -9.37 -15.13 9.35
CA ALA B 25 -10.21 -13.95 9.59
C ALA B 25 -11.09 -14.21 10.81
N SER B 26 -11.22 -13.18 11.66
CA SER B 26 -12.04 -13.33 12.87
C SER B 26 -13.53 -13.48 12.56
N GLN B 27 -13.97 -13.14 11.36
CA GLN B 27 -15.31 -13.42 10.90
C GLN B 27 -15.29 -13.56 9.39
N SER B 28 -16.39 -14.07 8.83
CA SER B 28 -16.40 -14.42 7.42
C SER B 28 -16.16 -13.20 6.55
N VAL B 29 -15.27 -13.36 5.59
CA VAL B 29 -15.07 -12.40 4.51
C VAL B 29 -15.39 -13.00 3.17
N SER B 30 -16.04 -14.17 3.15
CA SER B 30 -16.42 -14.89 1.93
C SER B 30 -15.13 -15.19 1.16
N SER B 31 -14.98 -14.72 -0.08
CA SER B 31 -13.75 -14.91 -0.85
C SER B 31 -13.05 -13.59 -1.12
N ASN B 32 -13.36 -12.56 -0.35
CA ASN B 32 -12.78 -11.22 -0.58
C ASN B 32 -11.47 -11.10 0.19
N LEU B 33 -10.50 -11.89 -0.26
CA LEU B 33 -9.23 -12.06 0.41
C LEU B 33 -8.12 -11.90 -0.61
N ALA B 34 -7.13 -11.08 -0.30
CA ALA B 34 -6.02 -10.81 -1.20
C ALA B 34 -4.70 -11.18 -0.55
N TRP B 35 -3.75 -11.64 -1.36
CA TRP B 35 -2.40 -11.93 -0.91
C TRP B 35 -1.41 -11.01 -1.62
N TYR B 36 -0.47 -10.46 -0.85
CA TYR B 36 0.60 -9.64 -1.39
C TYR B 36 1.95 -10.23 -1.00
N GLN B 37 2.91 -10.10 -1.91
CA GLN B 37 4.29 -10.45 -1.66
C GLN B 37 5.10 -9.17 -1.58
N GLN B 38 5.95 -9.06 -0.56
CA GLN B 38 6.86 -7.92 -0.44
C GLN B 38 8.29 -8.45 -0.37
N LYS B 39 9.01 -8.36 -1.49
CA LYS B 39 10.40 -8.71 -1.55
C LYS B 39 11.23 -7.67 -0.81
N PRO B 40 12.42 -8.05 -0.33
CA PRO B 40 13.24 -7.10 0.45
C PRO B 40 13.52 -5.82 -0.32
N GLY B 41 13.29 -4.68 0.33
CA GLY B 41 13.54 -3.39 -0.26
C GLY B 41 12.56 -2.94 -1.32
N GLN B 42 11.53 -3.72 -1.62
CA GLN B 42 10.62 -3.40 -2.71
C GLN B 42 9.22 -3.10 -2.18
N ALA B 43 8.41 -2.54 -3.07
CA ALA B 43 7.00 -2.35 -2.77
C ALA B 43 6.28 -3.69 -2.78
N PRO B 44 5.20 -3.82 -2.02
CA PRO B 44 4.35 -5.00 -2.15
C PRO B 44 3.81 -5.13 -3.57
N ARG B 45 3.48 -6.35 -3.96
CA ARG B 45 2.75 -6.56 -5.19
C ARG B 45 1.64 -7.57 -4.95
N LEU B 46 0.56 -7.44 -5.72
CA LEU B 46 -0.58 -8.34 -5.58
C LEU B 46 -0.24 -9.70 -6.16
N LEU B 47 -0.48 -10.75 -5.39
CA LEU B 47 -0.36 -12.12 -5.87
C LEU B 47 -1.71 -12.73 -6.22
N ILE B 48 -2.64 -12.64 -5.28
CA ILE B 48 -3.94 -13.32 -5.36
C ILE B 48 -5.01 -12.33 -4.91
N TYR B 49 -6.12 -12.31 -5.64
CA TYR B 49 -7.35 -11.70 -5.15
C TYR B 49 -8.46 -12.74 -5.29
N GLY B 50 -9.62 -12.42 -4.72
CA GLY B 50 -10.72 -13.36 -4.75
C GLY B 50 -10.38 -14.70 -4.11
N ALA B 51 -9.40 -14.69 -3.21
CA ALA B 51 -8.93 -15.86 -2.45
C ALA B 51 -8.11 -16.83 -3.30
N SER B 52 -8.40 -16.95 -4.60
CA SER B 52 -7.75 -17.97 -5.41
C SER B 52 -7.41 -17.54 -6.83
N THR B 53 -7.61 -16.26 -7.18
CA THR B 53 -7.34 -15.79 -8.53
C THR B 53 -5.98 -15.10 -8.56
N ARG B 54 -5.07 -15.63 -9.38
CA ARG B 54 -3.76 -15.01 -9.54
C ARG B 54 -3.90 -13.67 -10.25
N ALA B 55 -3.19 -12.67 -9.74
CA ALA B 55 -3.02 -11.43 -10.49
C ALA B 55 -2.24 -11.71 -11.77
N THR B 56 -2.36 -10.81 -12.74
CA THR B 56 -1.72 -11.03 -14.03
C THR B 56 -0.21 -11.12 -13.87
N GLY B 57 0.40 -12.07 -14.58
CA GLY B 57 1.84 -12.26 -14.55
C GLY B 57 2.36 -13.06 -13.38
N ILE B 58 1.51 -13.41 -12.42
CA ILE B 58 1.94 -14.20 -11.27
C ILE B 58 2.05 -15.66 -11.69
N PRO B 59 3.19 -16.31 -11.45
CA PRO B 59 3.36 -17.70 -11.92
C PRO B 59 2.52 -18.69 -11.12
N ALA B 60 2.20 -19.80 -11.78
CA ALA B 60 1.24 -20.76 -11.26
C ALA B 60 1.70 -21.48 -10.01
N ARG B 61 2.97 -21.34 -9.62
CA ARG B 61 3.39 -22.02 -8.40
C ARG B 61 2.82 -21.35 -7.15
N PHE B 62 2.32 -20.12 -7.27
CA PHE B 62 1.54 -19.48 -6.21
C PHE B 62 0.07 -19.82 -6.42
N SER B 63 -0.58 -20.28 -5.35
CA SER B 63 -2.01 -20.53 -5.42
C SER B 63 -2.64 -20.29 -4.05
N GLY B 64 -3.84 -19.73 -4.04
CA GLY B 64 -4.57 -19.47 -2.82
C GLY B 64 -5.83 -20.32 -2.76
N SER B 65 -6.29 -20.60 -1.55
CA SER B 65 -7.53 -21.33 -1.37
C SER B 65 -8.14 -20.91 -0.04
N GLY B 66 -9.36 -21.37 0.20
CA GLY B 66 -10.13 -20.99 1.36
C GLY B 66 -11.28 -20.08 0.99
N SER B 67 -12.21 -19.97 1.94
CA SER B 67 -13.36 -19.07 1.85
C SER B 67 -14.04 -19.04 3.20
N GLY B 68 -14.43 -17.84 3.63
CA GLY B 68 -14.97 -17.66 4.96
C GLY B 68 -13.96 -17.06 5.92
N THR B 69 -13.37 -17.89 6.77
CA THR B 69 -12.41 -17.43 7.77
C THR B 69 -11.02 -18.06 7.64
N GLU B 70 -10.86 -19.10 6.84
CA GLU B 70 -9.60 -19.85 6.78
C GLU B 70 -9.08 -19.85 5.36
N PHE B 71 -7.88 -19.28 5.18
CA PHE B 71 -7.28 -19.14 3.87
C PHE B 71 -5.84 -19.61 3.94
N THR B 72 -5.32 -20.05 2.79
CA THR B 72 -3.96 -20.52 2.70
C THR B 72 -3.33 -20.07 1.39
N LEU B 73 -2.04 -19.74 1.46
CA LEU B 73 -1.24 -19.45 0.28
C LEU B 73 -0.19 -20.55 0.18
N THR B 74 -0.17 -21.24 -0.95
CA THR B 74 0.76 -22.34 -1.17
C THR B 74 1.74 -21.98 -2.27
N ILE B 75 3.01 -22.21 -2.02
CA ILE B 75 4.06 -22.08 -3.03
C ILE B 75 4.57 -23.49 -3.29
N SER B 76 4.45 -23.95 -4.54
CA SER B 76 4.66 -25.37 -4.82
C SER B 76 6.13 -25.76 -4.83
N SER B 77 7.02 -24.86 -5.24
CA SER B 77 8.45 -25.15 -5.22
C SER B 77 9.19 -23.84 -4.95
N LEU B 78 9.66 -23.67 -3.72
CA LEU B 78 10.24 -22.41 -3.30
C LEU B 78 11.44 -22.04 -4.16
N GLN B 79 11.43 -20.82 -4.65
CA GLN B 79 12.50 -20.24 -5.45
C GLN B 79 13.16 -19.15 -4.61
N SER B 80 14.42 -18.84 -4.93
CA SER B 80 15.14 -17.88 -4.11
C SER B 80 14.39 -16.55 -4.02
N GLU B 81 13.80 -16.11 -5.13
CA GLU B 81 13.02 -14.87 -5.13
C GLU B 81 11.79 -14.95 -4.23
N ASP B 82 11.28 -16.16 -3.96
CA ASP B 82 10.06 -16.30 -3.17
C ASP B 82 10.28 -16.08 -1.69
N PHE B 83 11.54 -15.90 -1.25
CA PHE B 83 11.81 -15.66 0.16
C PHE B 83 11.61 -14.17 0.42
N ALA B 84 10.56 -13.86 1.16
CA ALA B 84 9.99 -12.52 1.21
C ALA B 84 8.97 -12.50 2.34
N VAL B 85 8.34 -11.35 2.52
CA VAL B 85 7.22 -11.22 3.45
C VAL B 85 5.93 -11.35 2.65
N TYR B 86 4.93 -11.99 3.25
CA TYR B 86 3.64 -12.19 2.60
C TYR B 86 2.53 -11.68 3.50
N TYR B 87 1.65 -10.87 2.92
CA TYR B 87 0.55 -10.25 3.64
C TYR B 87 -0.77 -10.71 3.04
N CYS B 88 -1.71 -11.10 3.89
CA CYS B 88 -3.08 -11.25 3.44
C CYS B 88 -3.87 -10.00 3.82
N GLN B 89 -5.00 -9.82 3.15
CA GLN B 89 -5.84 -8.64 3.37
C GLN B 89 -7.27 -8.95 2.97
N GLN B 90 -8.20 -8.81 3.89
CA GLN B 90 -9.61 -8.89 3.54
C GLN B 90 -10.06 -7.55 2.97
N TYR B 91 -11.04 -7.62 2.06
CA TYR B 91 -11.67 -6.42 1.52
C TYR B 91 -13.18 -6.59 1.45
N SER B 92 -13.72 -7.48 2.29
CA SER B 92 -15.16 -7.69 2.33
C SER B 92 -15.87 -6.51 2.98
N ASN B 93 -15.54 -6.25 4.24
CA ASN B 93 -16.07 -5.12 5.00
C ASN B 93 -14.90 -4.16 5.21
N TRP B 94 -14.80 -3.17 4.32
CA TRP B 94 -13.61 -2.33 4.22
C TRP B 94 -12.39 -3.24 4.11
N LEU B 95 -11.25 -2.85 4.69
CA LEU B 95 -10.03 -3.62 4.55
C LEU B 95 -9.40 -3.86 5.91
N THR B 96 -8.67 -4.98 6.00
CA THR B 96 -7.81 -5.26 7.13
C THR B 96 -6.60 -6.02 6.62
N PHE B 97 -5.41 -5.61 7.03
CA PHE B 97 -4.20 -6.32 6.70
C PHE B 97 -3.85 -7.35 7.76
N GLY B 98 -3.31 -8.47 7.34
CA GLY B 98 -2.65 -9.38 8.25
C GLY B 98 -1.31 -8.83 8.68
N GLY B 99 -0.78 -9.42 9.75
CA GLY B 99 0.50 -9.00 10.30
C GLY B 99 1.72 -9.42 9.51
N GLY B 100 1.57 -10.34 8.57
CA GLY B 100 2.68 -10.73 7.72
C GLY B 100 3.35 -12.03 8.12
N THR B 101 3.72 -12.85 7.13
CA THR B 101 4.56 -14.02 7.36
C THR B 101 5.87 -13.85 6.59
N LYS B 102 6.99 -14.01 7.27
CA LYS B 102 8.29 -14.02 6.62
C LYS B 102 8.63 -15.45 6.20
N VAL B 103 8.75 -15.67 4.90
CA VAL B 103 9.23 -16.94 4.37
C VAL B 103 10.75 -16.88 4.34
N GLU B 104 11.39 -17.61 5.26
CA GLU B 104 12.82 -17.57 5.48
C GLU B 104 13.47 -18.85 4.98
N ILE B 105 14.74 -18.75 4.59
CA ILE B 105 15.48 -19.89 4.04
C ILE B 105 15.89 -20.81 5.18
N LYS B 106 15.36 -22.03 5.18
CA LYS B 106 15.72 -23.03 6.17
C LYS B 106 17.06 -23.66 5.82
N ARG B 107 18.00 -23.64 6.77
CA ARG B 107 19.31 -24.25 6.58
C ARG B 107 19.69 -24.96 7.86
N THR B 108 20.79 -25.70 7.81
CA THR B 108 21.24 -26.42 9.01
C THR B 108 21.65 -25.43 10.09
N VAL B 109 21.55 -25.87 11.34
CA VAL B 109 21.94 -25.02 12.46
C VAL B 109 23.43 -24.72 12.38
N ALA B 110 23.78 -23.47 12.68
CA ALA B 110 25.18 -23.05 12.68
C ALA B 110 25.38 -22.10 13.84
N ALA B 111 26.28 -22.48 14.75
CA ALA B 111 26.54 -21.66 15.91
C ALA B 111 27.29 -20.38 15.50
N PRO B 112 27.07 -19.28 16.20
CA PRO B 112 27.81 -18.06 15.89
C PRO B 112 29.28 -18.17 16.29
N SER B 113 30.11 -17.42 15.58
CA SER B 113 31.46 -17.12 16.02
C SER B 113 31.44 -15.75 16.66
N VAL B 114 31.94 -15.64 17.88
CA VAL B 114 31.76 -14.45 18.69
C VAL B 114 33.09 -13.72 18.83
N PHE B 115 33.04 -12.39 18.71
CA PHE B 115 34.18 -11.53 18.82
C PHE B 115 33.77 -10.29 19.60
N ILE B 116 34.66 -9.81 20.47
CA ILE B 116 34.39 -8.57 21.20
C ILE B 116 35.49 -7.58 20.86
N PHE B 117 35.13 -6.30 20.83
CA PHE B 117 36.03 -5.21 20.46
C PHE B 117 35.97 -4.14 21.53
N PRO B 118 37.07 -3.87 22.24
CA PRO B 118 37.11 -2.75 23.17
C PRO B 118 36.97 -1.44 22.42
N PRO B 119 36.64 -0.35 23.11
CA PRO B 119 36.66 0.96 22.44
C PRO B 119 38.05 1.28 21.94
N SER B 120 38.11 2.07 20.88
CA SER B 120 39.39 2.51 20.35
C SER B 120 39.90 3.70 21.17
N ASP B 121 41.22 3.82 21.25
CA ASP B 121 41.80 4.99 21.90
C ASP B 121 41.34 6.27 21.21
N GLU B 122 41.12 6.21 19.90
CA GLU B 122 40.63 7.37 19.16
C GLU B 122 39.25 7.79 19.66
N GLN B 123 38.33 6.84 19.80
CA GLN B 123 37.01 7.17 20.32
C GLN B 123 37.09 7.63 21.77
N LEU B 124 37.87 6.92 22.60
CA LEU B 124 38.01 7.30 24.00
C LEU B 124 38.49 8.74 24.13
N LYS B 125 39.37 9.18 23.23
CA LYS B 125 39.82 10.56 23.23
C LYS B 125 38.64 11.53 23.14
N SER B 126 37.59 11.17 22.39
CA SER B 126 36.45 12.05 22.21
C SER B 126 35.58 12.16 23.45
N GLY B 127 35.60 11.15 24.32
CA GLY B 127 34.79 11.15 25.52
C GLY B 127 33.75 10.04 25.60
N THR B 128 33.64 9.17 24.60
CA THR B 128 32.66 8.09 24.59
C THR B 128 33.35 6.77 24.32
N ALA B 129 32.81 5.71 24.89
CA ALA B 129 33.30 4.36 24.69
C ALA B 129 32.20 3.52 24.05
N SER B 130 32.53 2.79 22.99
CA SER B 130 31.64 1.82 22.38
C SER B 130 32.29 0.46 22.44
N VAL B 131 31.61 -0.51 23.04
CA VAL B 131 32.07 -1.88 23.10
C VAL B 131 31.18 -2.70 22.17
N VAL B 132 31.80 -3.43 21.25
CA VAL B 132 31.07 -4.09 20.18
C VAL B 132 31.26 -5.60 20.31
N CYS B 133 30.16 -6.32 20.23
CA CYS B 133 30.15 -7.78 20.20
C CYS B 133 29.61 -8.22 18.85
N LEU B 134 30.38 -9.06 18.15
CA LEU B 134 30.00 -9.58 16.85
C LEU B 134 29.63 -11.06 16.95
N LEU B 135 28.47 -11.41 16.41
CA LEU B 135 28.02 -12.79 16.27
C LEU B 135 27.95 -13.08 14.78
N ASN B 136 28.84 -13.93 14.28
CA ASN B 136 29.06 -14.05 12.84
C ASN B 136 28.55 -15.39 12.30
N ASN B 137 27.71 -15.30 11.26
CA ASN B 137 27.34 -16.44 10.42
C ASN B 137 26.64 -17.55 11.22
N PHE B 138 25.50 -17.21 11.82
CA PHE B 138 24.76 -18.16 12.63
C PHE B 138 23.36 -18.41 12.05
N TYR B 139 22.76 -19.52 12.50
CA TYR B 139 21.40 -19.90 12.13
C TYR B 139 20.93 -20.92 13.14
N PRO B 140 19.67 -20.84 13.62
CA PRO B 140 18.62 -19.88 13.26
C PRO B 140 18.85 -18.45 13.75
N ARG B 141 17.87 -17.59 13.46
CA ARG B 141 18.00 -16.16 13.73
CA ARG B 141 18.00 -16.16 13.73
C ARG B 141 17.99 -15.87 15.23
N GLU B 142 17.34 -16.71 16.03
CA GLU B 142 17.21 -16.45 17.46
C GLU B 142 18.56 -16.49 18.15
N ALA B 143 18.94 -15.40 18.80
CA ALA B 143 20.19 -15.31 19.53
C ALA B 143 20.01 -14.31 20.65
N LYS B 144 20.71 -14.56 21.77
CA LYS B 144 20.59 -13.71 22.95
C LYS B 144 21.98 -13.23 23.36
N VAL B 145 22.12 -11.91 23.51
CA VAL B 145 23.38 -11.28 23.89
C VAL B 145 23.19 -10.62 25.25
N GLN B 146 24.15 -10.81 26.14
CA GLN B 146 24.09 -10.26 27.50
C GLN B 146 25.40 -9.56 27.81
N TRP B 147 25.32 -8.28 28.18
CA TRP B 147 26.48 -7.48 28.53
C TRP B 147 26.66 -7.44 30.05
N LYS B 148 27.88 -7.74 30.50
CA LYS B 148 28.23 -7.62 31.90
C LYS B 148 29.47 -6.76 32.04
N VAL B 149 29.41 -5.77 32.92
CA VAL B 149 30.56 -4.96 33.28
C VAL B 149 30.86 -5.23 34.75
N ASP B 150 31.98 -5.91 35.01
CA ASP B 150 32.33 -6.36 36.36
C ASP B 150 31.16 -7.11 37.00
N ASN B 151 30.58 -8.02 36.22
CA ASN B 151 29.43 -8.84 36.60
C ASN B 151 28.16 -8.02 36.84
N ALA B 152 28.16 -6.74 36.49
CA ALA B 152 26.94 -5.95 36.52
C ALA B 152 26.26 -6.06 35.16
N LEU B 153 25.18 -6.84 35.10
CA LEU B 153 24.38 -6.93 33.88
C LEU B 153 23.97 -5.55 33.41
N GLN B 154 24.27 -5.26 32.14
CA GLN B 154 23.88 -4.01 31.51
C GLN B 154 22.51 -4.19 30.87
N SER B 155 21.58 -3.29 31.19
CA SER B 155 20.23 -3.35 30.64
C SER B 155 19.84 -1.97 30.16
N GLY B 156 19.55 -1.84 28.87
CA GLY B 156 19.02 -0.62 28.31
C GLY B 156 20.02 0.31 27.68
N ASN B 157 21.31 0.00 27.74
CA ASN B 157 22.34 0.85 27.16
C ASN B 157 23.09 0.17 26.01
N SER B 158 22.44 -0.80 25.36
CA SER B 158 23.00 -1.44 24.19
C SER B 158 21.97 -1.46 23.06
N GLN B 159 22.47 -1.41 21.83
CA GLN B 159 21.66 -1.58 20.63
C GLN B 159 22.29 -2.66 19.76
N GLU B 160 21.44 -3.40 19.05
CA GLU B 160 21.93 -4.42 18.14
C GLU B 160 21.23 -4.28 16.79
N SER B 161 21.89 -4.83 15.77
CA SER B 161 21.30 -4.90 14.45
C SER B 161 21.78 -6.18 13.79
N VAL B 162 20.94 -6.71 12.90
CA VAL B 162 21.14 -8.01 12.30
C VAL B 162 21.08 -7.85 10.78
N THR B 163 21.94 -8.59 10.08
CA THR B 163 21.89 -8.61 8.63
C THR B 163 20.70 -9.43 8.14
N GLU B 164 20.37 -9.28 6.87
CA GLU B 164 19.49 -10.24 6.25
C GLU B 164 20.25 -11.53 5.97
N GLN B 165 19.52 -12.59 5.66
CA GLN B 165 20.16 -13.87 5.39
C GLN B 165 21.19 -13.71 4.27
N ASP B 166 22.41 -14.17 4.53
CA ASP B 166 23.48 -14.06 3.55
C ASP B 166 23.10 -14.76 2.25
N SER B 167 23.40 -14.10 1.12
CA SER B 167 22.99 -14.61 -0.18
C SER B 167 23.69 -15.92 -0.54
N LYS B 168 24.84 -16.22 0.06
CA LYS B 168 25.58 -17.44 -0.25
C LYS B 168 25.29 -18.59 0.72
N ASP B 169 25.33 -18.35 2.04
CA ASP B 169 25.17 -19.42 3.01
C ASP B 169 23.91 -19.32 3.87
N SER B 170 23.07 -18.30 3.65
CA SER B 170 21.77 -18.14 4.29
C SER B 170 21.86 -17.94 5.80
N THR B 171 23.02 -17.57 6.33
CA THR B 171 23.15 -17.33 7.76
C THR B 171 22.87 -15.86 8.08
N TYR B 172 22.82 -15.58 9.38
CA TYR B 172 22.70 -14.24 9.91
C TYR B 172 23.99 -13.84 10.61
N SER B 173 24.21 -12.54 10.71
CA SER B 173 25.22 -12.01 11.60
C SER B 173 24.60 -10.89 12.41
N LEU B 174 25.08 -10.72 13.62
CA LEU B 174 24.53 -9.73 14.53
C LEU B 174 25.66 -8.90 15.13
N SER B 175 25.36 -7.63 15.34
CA SER B 175 26.27 -6.69 15.98
C SER B 175 25.57 -6.10 17.19
N SER B 176 26.24 -6.09 18.33
CA SER B 176 25.72 -5.46 19.54
C SER B 176 26.72 -4.42 20.03
N THR B 177 26.26 -3.19 20.20
CA THR B 177 27.11 -2.11 20.69
C THR B 177 26.63 -1.67 22.07
N LEU B 178 27.53 -1.73 23.05
CA LEU B 178 27.29 -1.20 24.37
C LEU B 178 27.89 0.20 24.45
N THR B 179 27.12 1.15 24.98
CA THR B 179 27.56 2.54 25.04
C THR B 179 27.79 2.95 26.49
N LEU B 180 28.97 3.51 26.75
CA LEU B 180 29.35 4.03 28.05
C LEU B 180 30.06 5.36 27.87
N SER B 181 29.98 6.22 28.88
CA SER B 181 30.84 7.38 28.90
C SER B 181 32.28 6.94 29.13
N LYS B 182 33.22 7.79 28.70
CA LYS B 182 34.63 7.49 28.93
C LYS B 182 34.90 7.28 30.42
N ALA B 183 34.36 8.15 31.27
CA ALA B 183 34.61 8.07 32.71
C ALA B 183 34.12 6.76 33.29
N ASP B 184 32.93 6.32 32.90
CA ASP B 184 32.44 5.03 33.41
C ASP B 184 33.25 3.88 32.84
N TYR B 185 33.69 3.99 31.59
CA TYR B 185 34.49 2.92 31.00
C TYR B 185 35.77 2.70 31.80
N GLU B 186 36.39 3.78 32.27
CA GLU B 186 37.66 3.69 32.99
C GLU B 186 37.50 3.32 34.45
N LYS B 187 36.27 3.34 35.00
CA LYS B 187 36.04 2.90 36.37
C LYS B 187 35.93 1.39 36.49
N HIS B 188 35.98 0.64 35.39
CA HIS B 188 35.73 -0.79 35.45
C HIS B 188 36.73 -1.54 34.58
N LYS B 189 36.80 -2.85 34.79
CA LYS B 189 37.86 -3.68 34.25
C LYS B 189 37.36 -4.77 33.31
N VAL B 190 36.40 -5.60 33.73
CA VAL B 190 36.00 -6.78 32.99
C VAL B 190 34.78 -6.44 32.14
N TYR B 191 34.94 -6.50 30.82
CA TYR B 191 33.87 -6.26 29.86
C TYR B 191 33.56 -7.55 29.11
N ALA B 192 32.35 -8.07 29.30
CA ALA B 192 32.00 -9.40 28.83
C ALA B 192 30.74 -9.37 27.97
N CYS B 193 30.75 -10.21 26.93
CA CYS B 193 29.60 -10.44 26.07
C CYS B 193 29.28 -11.93 26.12
N GLU B 194 28.10 -12.26 26.64
CA GLU B 194 27.65 -13.65 26.74
C GLU B 194 26.57 -13.92 25.70
N VAL B 195 26.77 -14.97 24.90
CA VAL B 195 25.95 -15.26 23.74
C VAL B 195 25.26 -16.59 23.93
N THR B 196 23.94 -16.59 23.80
CA THR B 196 23.15 -17.81 23.87
C THR B 196 22.55 -18.08 22.50
N HIS B 197 22.81 -19.27 21.96
CA HIS B 197 22.30 -19.66 20.66
C HIS B 197 22.10 -21.17 20.64
N GLN B 198 21.13 -21.61 19.83
CA GLN B 198 20.79 -23.03 19.78
C GLN B 198 21.99 -23.88 19.36
N GLY B 199 22.82 -23.37 18.45
CA GLY B 199 24.00 -24.10 18.03
C GLY B 199 25.09 -24.25 19.07
N LEU B 200 24.91 -23.67 20.26
CA LEU B 200 25.87 -23.75 21.34
C LEU B 200 25.30 -24.66 22.44
N SER B 201 26.04 -25.72 22.78
CA SER B 201 25.60 -26.60 23.86
C SER B 201 25.55 -25.84 25.18
N SER B 202 26.39 -24.83 25.34
CA SER B 202 26.43 -23.99 26.51
C SER B 202 26.65 -22.54 26.06
N PRO B 203 26.11 -21.57 26.80
CA PRO B 203 26.35 -20.17 26.45
C PRO B 203 27.84 -19.85 26.44
N VAL B 204 28.24 -19.00 25.50
CA VAL B 204 29.64 -18.65 25.27
C VAL B 204 29.87 -17.20 25.67
N THR B 205 30.97 -16.95 26.36
CA THR B 205 31.35 -15.61 26.80
C THR B 205 32.67 -15.22 26.15
N LYS B 206 32.71 -14.03 25.56
CA LYS B 206 33.94 -13.40 25.12
C LYS B 206 34.11 -12.14 25.94
N SER B 207 35.32 -11.90 26.43
CA SER B 207 35.54 -10.79 27.33
C SER B 207 36.99 -10.36 27.28
N PHE B 208 37.21 -9.13 27.71
CA PHE B 208 38.55 -8.57 27.82
C PHE B 208 38.65 -7.83 29.14
N ASN B 209 39.88 -7.49 29.51
CA ASN B 209 40.16 -6.59 30.62
C ASN B 209 40.64 -5.27 30.04
N ARG B 210 40.06 -4.17 30.53
CA ARG B 210 40.39 -2.85 30.02
C ARG B 210 41.89 -2.58 30.15
N GLY B 211 42.52 -2.26 29.03
CA GLY B 211 43.92 -1.92 29.01
C GLY B 211 44.89 -3.07 28.83
N GLU B 212 44.40 -4.31 28.84
CA GLU B 212 45.26 -5.49 28.79
C GLU B 212 45.18 -6.12 27.40
N CYS B 213 46.17 -5.82 26.56
CA CYS B 213 46.29 -6.46 25.26
C CYS B 213 47.72 -6.36 24.74
N ASN C 16 -41.31 25.49 -34.35
CA ASN C 16 -39.99 25.15 -33.80
C ASN C 16 -39.98 23.72 -33.25
N LEU C 17 -39.01 22.92 -33.70
CA LEU C 17 -38.94 21.53 -33.28
C LEU C 17 -38.49 21.41 -31.83
N CYS C 18 -38.59 20.19 -31.30
CA CYS C 18 -38.09 20.00 -29.95
C CYS C 18 -36.66 19.45 -29.99
N PRO C 19 -35.80 19.92 -29.09
CA PRO C 19 -34.38 19.54 -29.11
C PRO C 19 -34.12 18.14 -28.55
N PHE C 20 -34.71 17.14 -29.20
CA PHE C 20 -34.48 15.76 -28.78
C PHE C 20 -33.08 15.27 -29.10
N GLY C 21 -32.41 15.88 -30.08
CA GLY C 21 -31.05 15.48 -30.39
C GLY C 21 -30.09 15.81 -29.26
N GLU C 22 -30.30 16.94 -28.59
CA GLU C 22 -29.46 17.29 -27.44
C GLU C 22 -29.52 16.22 -26.37
N VAL C 23 -30.67 15.58 -26.20
CA VAL C 23 -30.82 14.54 -25.19
C VAL C 23 -30.36 13.18 -25.69
N PHE C 24 -30.86 12.78 -26.86
CA PHE C 24 -30.54 11.44 -27.37
C PHE C 24 -29.12 11.38 -27.92
N ASN C 25 -28.71 12.40 -28.66
CA ASN C 25 -27.40 12.42 -29.33
C ASN C 25 -26.39 13.28 -28.60
N ALA C 26 -26.47 13.34 -27.26
CA ALA C 26 -25.50 14.09 -26.48
C ALA C 26 -24.16 13.36 -26.43
N THR C 27 -23.09 14.14 -26.30
CA THR C 27 -21.75 13.57 -26.29
C THR C 27 -21.53 12.70 -25.05
N ARG C 28 -21.83 13.24 -23.87
CA ARG C 28 -21.64 12.54 -22.62
C ARG C 28 -22.96 12.49 -21.85
N PHE C 29 -23.17 11.38 -21.14
CA PHE C 29 -24.34 11.18 -20.31
C PHE C 29 -23.97 11.25 -18.84
N ALA C 30 -24.97 11.52 -18.00
CA ALA C 30 -24.76 11.61 -16.57
C ALA C 30 -24.72 10.23 -15.93
N SER C 31 -24.08 10.15 -14.77
CA SER C 31 -24.24 8.99 -13.91
C SER C 31 -25.70 8.88 -13.46
N VAL C 32 -26.13 7.64 -13.19
CA VAL C 32 -27.53 7.43 -12.87
C VAL C 32 -27.88 8.08 -11.54
N TYR C 33 -26.99 8.00 -10.54
CA TYR C 33 -27.30 8.60 -9.25
C TYR C 33 -27.50 10.11 -9.37
N ALA C 34 -26.79 10.74 -10.30
CA ALA C 34 -26.96 12.17 -10.56
C ALA C 34 -27.61 12.38 -11.92
N TRP C 35 -28.77 11.76 -12.13
CA TRP C 35 -29.38 11.75 -13.45
C TRP C 35 -29.78 13.14 -13.90
N ASN C 36 -29.66 13.38 -15.20
CA ASN C 36 -29.94 14.66 -15.81
C ASN C 36 -31.42 14.78 -16.19
N ARG C 37 -31.94 16.00 -16.15
CA ARG C 37 -33.32 16.29 -16.52
C ARG C 37 -33.34 17.57 -17.35
N LYS C 38 -33.93 17.49 -18.54
CA LYS C 38 -34.12 18.65 -19.40
C LYS C 38 -35.60 18.94 -19.56
N ARG C 39 -35.98 20.20 -19.35
CA ARG C 39 -37.35 20.64 -19.57
C ARG C 39 -37.55 20.93 -21.05
N ILE C 40 -38.67 20.46 -21.61
CA ILE C 40 -39.02 20.68 -23.00
C ILE C 40 -40.40 21.32 -23.05
N SER C 41 -40.50 22.44 -23.77
CA SER C 41 -41.76 23.17 -23.86
C SER C 41 -41.71 24.11 -25.06
N ASN C 42 -42.90 24.46 -25.54
CA ASN C 42 -43.07 25.42 -26.65
C ASN C 42 -42.35 24.95 -27.92
N CYS C 43 -42.65 23.72 -28.33
CA CYS C 43 -42.04 23.16 -29.52
C CYS C 43 -42.91 22.04 -30.07
N VAL C 44 -42.58 21.60 -31.28
CA VAL C 44 -43.28 20.53 -31.97
C VAL C 44 -42.38 19.31 -31.97
N ALA C 45 -42.89 18.20 -31.44
CA ALA C 45 -42.14 16.97 -31.30
C ALA C 45 -42.57 15.96 -32.35
N ASP C 46 -41.61 15.18 -32.86
CA ASP C 46 -41.85 14.15 -33.85
C ASP C 46 -41.43 12.82 -33.24
N TYR C 47 -42.36 12.17 -32.55
CA TYR C 47 -42.05 10.91 -31.87
C TYR C 47 -41.87 9.75 -32.84
N SER C 48 -42.33 9.89 -34.09
CA SER C 48 -42.12 8.82 -35.06
C SER C 48 -40.65 8.65 -35.39
N VAL C 49 -39.87 9.74 -35.33
CA VAL C 49 -38.42 9.64 -35.50
C VAL C 49 -37.84 8.65 -34.50
N LEU C 50 -38.40 8.60 -33.30
CA LEU C 50 -37.86 7.75 -32.26
C LEU C 50 -38.41 6.32 -32.36
N TYR C 51 -39.74 6.18 -32.46
CA TYR C 51 -40.32 4.83 -32.47
C TYR C 51 -39.93 4.05 -33.72
N ASN C 52 -39.68 4.74 -34.82
CA ASN C 52 -39.23 4.10 -36.05
C ASN C 52 -37.74 4.40 -36.25
N SER C 53 -36.91 3.80 -35.38
CA SER C 53 -35.48 4.03 -35.41
C SER C 53 -34.66 2.74 -35.36
N ALA C 54 -35.14 1.73 -34.64
CA ALA C 54 -34.45 0.43 -34.52
C ALA C 54 -33.06 0.56 -33.90
N SER C 55 -32.65 1.79 -33.59
CA SER C 55 -31.43 2.03 -32.82
C SER C 55 -31.62 1.71 -31.34
N PHE C 56 -32.86 1.62 -30.88
CA PHE C 56 -33.18 1.44 -29.47
C PHE C 56 -33.55 0.00 -29.19
N SER C 57 -32.90 -0.59 -28.19
CA SER C 57 -33.26 -1.94 -27.76
C SER C 57 -34.46 -1.96 -26.82
N THR C 58 -34.83 -0.81 -26.26
CA THR C 58 -35.95 -0.71 -25.34
C THR C 58 -36.76 0.53 -25.69
N PHE C 59 -38.07 0.34 -25.85
CA PHE C 59 -38.98 1.45 -26.08
C PHE C 59 -40.36 1.08 -25.56
N LYS C 60 -40.56 1.24 -24.26
CA LYS C 60 -41.80 0.83 -23.60
C LYS C 60 -42.47 2.06 -23.00
N CYS C 61 -43.73 2.29 -23.37
CA CYS C 61 -44.48 3.43 -22.86
C CYS C 61 -45.51 2.99 -21.83
N TYR C 62 -45.88 3.94 -20.98
CA TYR C 62 -46.76 3.69 -19.84
C TYR C 62 -47.73 4.85 -19.70
N GLY C 63 -49.01 4.53 -19.48
CA GLY C 63 -50.03 5.55 -19.33
C GLY C 63 -50.29 6.38 -20.58
N VAL C 64 -49.69 6.01 -21.71
CA VAL C 64 -49.88 6.70 -22.97
C VAL C 64 -49.70 5.68 -24.08
N SER C 65 -50.43 5.87 -25.17
CA SER C 65 -50.05 4.83 -26.13
C SER C 65 -49.11 5.41 -27.19
N PRO C 66 -48.11 4.63 -27.60
CA PRO C 66 -47.04 5.21 -28.44
C PRO C 66 -47.53 5.76 -29.76
N THR C 67 -48.44 5.05 -30.42
CA THR C 67 -48.89 5.43 -31.76
C THR C 67 -49.75 6.70 -31.75
N LYS C 68 -50.24 7.12 -30.60
CA LYS C 68 -50.99 8.36 -30.48
C LYS C 68 -50.11 9.58 -30.22
N LEU C 69 -48.79 9.39 -30.04
CA LEU C 69 -47.96 10.48 -29.52
C LEU C 69 -47.89 11.64 -30.50
N ASN C 70 -47.83 11.37 -31.80
CA ASN C 70 -47.77 12.44 -32.79
C ASN C 70 -49.05 13.25 -32.87
N ASP C 71 -50.13 12.81 -32.22
CA ASP C 71 -51.41 13.51 -32.25
C ASP C 71 -51.82 14.03 -30.88
N LEU C 72 -50.87 14.10 -29.95
CA LEU C 72 -51.14 14.55 -28.59
C LEU C 72 -50.38 15.82 -28.28
N CYS C 73 -50.95 16.62 -27.39
CA CYS C 73 -50.27 17.78 -26.81
C CYS C 73 -50.11 17.57 -25.32
N PHE C 74 -49.12 18.26 -24.75
CA PHE C 74 -48.86 18.21 -23.32
C PHE C 74 -48.33 19.55 -22.87
N THR C 75 -48.54 19.87 -21.59
CA THR C 75 -48.04 21.13 -21.05
C THR C 75 -46.52 21.15 -21.01
N ASN C 76 -45.92 20.08 -20.50
CA ASN C 76 -44.46 19.98 -20.43
C ASN C 76 -44.04 18.53 -20.67
N VAL C 77 -42.85 18.36 -21.24
CA VAL C 77 -42.22 17.06 -21.40
C VAL C 77 -40.84 17.12 -20.77
N TYR C 78 -40.57 16.21 -19.83
CA TYR C 78 -39.27 16.12 -19.18
C TYR C 78 -38.53 14.92 -19.71
N ALA C 79 -37.30 15.13 -20.15
CA ALA C 79 -36.42 14.05 -20.62
C ALA C 79 -35.31 13.84 -19.61
N ASP C 80 -35.28 12.66 -18.99
CA ASP C 80 -34.25 12.29 -18.05
C ASP C 80 -33.26 11.33 -18.71
N SER C 81 -31.97 11.61 -18.56
CA SER C 81 -30.93 10.83 -19.23
C SER C 81 -29.86 10.41 -18.24
N PHE C 82 -29.34 9.20 -18.42
CA PHE C 82 -28.30 8.62 -17.56
C PHE C 82 -27.85 7.31 -18.18
N VAL C 83 -26.83 6.70 -17.57
CA VAL C 83 -26.24 5.46 -18.05
C VAL C 83 -26.32 4.42 -16.94
N ILE C 84 -26.69 3.20 -17.31
CA ILE C 84 -26.69 2.06 -16.41
C ILE C 84 -26.11 0.87 -17.16
N ARG C 85 -26.15 -0.31 -16.55
CA ARG C 85 -25.72 -1.51 -17.25
C ARG C 85 -26.94 -2.35 -17.64
N GLY C 86 -26.70 -3.29 -18.58
CA GLY C 86 -27.79 -3.92 -19.29
C GLY C 86 -28.80 -4.62 -18.40
N ASP C 87 -28.32 -5.34 -17.39
CA ASP C 87 -29.21 -6.04 -16.47
C ASP C 87 -30.10 -5.10 -15.68
N GLU C 88 -29.80 -3.80 -15.68
CA GLU C 88 -30.52 -2.82 -14.90
C GLU C 88 -31.52 -2.03 -15.71
N VAL C 89 -31.55 -2.21 -17.04
CA VAL C 89 -32.52 -1.49 -17.87
C VAL C 89 -33.95 -1.85 -17.47
N ARG C 90 -34.17 -3.11 -17.06
CA ARG C 90 -35.51 -3.52 -16.65
C ARG C 90 -35.98 -2.82 -15.39
N GLN C 91 -35.07 -2.26 -14.58
CA GLN C 91 -35.47 -1.55 -13.39
C GLN C 91 -36.06 -0.17 -13.69
N ILE C 92 -35.87 0.35 -14.90
CA ILE C 92 -36.39 1.65 -15.27
C ILE C 92 -37.83 1.47 -15.74
N ALA C 93 -38.69 1.03 -14.83
CA ALA C 93 -40.09 0.77 -15.13
C ALA C 93 -40.88 0.94 -13.83
N PRO C 94 -42.17 1.28 -13.92
CA PRO C 94 -42.96 1.44 -12.69
C PRO C 94 -43.00 0.15 -11.90
N GLY C 95 -42.98 0.30 -10.57
CA GLY C 95 -43.13 -0.82 -9.66
C GLY C 95 -41.93 -1.71 -9.50
N GLN C 96 -40.82 -1.42 -10.18
CA GLN C 96 -39.64 -2.27 -10.09
C GLN C 96 -38.87 -1.96 -8.81
N THR C 97 -38.04 -2.93 -8.40
CA THR C 97 -37.16 -2.79 -7.26
C THR C 97 -35.75 -3.19 -7.69
N GLY C 98 -34.81 -3.06 -6.77
CA GLY C 98 -33.41 -3.29 -7.04
C GLY C 98 -32.57 -2.07 -6.76
N LYS C 99 -31.26 -2.23 -6.95
CA LYS C 99 -30.31 -1.18 -6.57
C LYS C 99 -30.56 0.13 -7.33
N ILE C 100 -30.90 0.04 -8.62
CA ILE C 100 -31.08 1.27 -9.40
C ILE C 100 -32.42 1.92 -9.11
N ALA C 101 -33.49 1.14 -9.05
CA ALA C 101 -34.81 1.71 -8.80
C ALA C 101 -34.95 2.16 -7.35
N ASP C 102 -34.27 1.50 -6.40
CA ASP C 102 -34.41 1.87 -5.00
C ASP C 102 -33.55 3.07 -4.64
N TYR C 103 -32.35 3.17 -5.20
CA TYR C 103 -31.34 4.12 -4.71
C TYR C 103 -30.88 5.15 -5.73
N ASN C 104 -31.33 5.07 -6.98
CA ASN C 104 -30.73 5.92 -8.00
C ASN C 104 -31.78 6.67 -8.81
N TYR C 105 -32.77 5.95 -9.33
CA TYR C 105 -33.78 6.56 -10.19
C TYR C 105 -35.06 5.75 -10.06
N LYS C 106 -36.11 6.37 -9.56
CA LYS C 106 -37.38 5.71 -9.26
C LYS C 106 -38.50 6.31 -10.10
N LEU C 107 -39.22 5.43 -10.86
CA LEU C 107 -40.41 5.90 -11.55
C LEU C 107 -41.65 5.78 -10.66
N PRO C 108 -42.65 6.63 -10.84
CA PRO C 108 -43.88 6.50 -10.05
C PRO C 108 -44.72 5.33 -10.53
N ASP C 109 -45.59 4.84 -9.63
CA ASP C 109 -46.50 3.76 -10.00
C ASP C 109 -47.48 4.21 -11.08
N ASP C 110 -47.91 5.47 -11.05
CA ASP C 110 -48.83 6.05 -12.02
C ASP C 110 -48.09 6.76 -13.15
N PHE C 111 -47.03 6.15 -13.68
CA PHE C 111 -46.16 6.84 -14.62
C PHE C 111 -46.84 7.05 -15.96
N THR C 112 -46.67 8.25 -16.52
CA THR C 112 -47.15 8.60 -17.86
C THR C 112 -45.94 9.04 -18.68
N GLY C 113 -45.43 8.13 -19.51
CA GLY C 113 -44.30 8.45 -20.35
C GLY C 113 -43.72 7.20 -20.97
N CYS C 114 -42.51 7.36 -21.53
CA CYS C 114 -41.83 6.28 -22.23
C CYS C 114 -40.41 6.15 -21.72
N VAL C 115 -39.88 4.94 -21.83
CA VAL C 115 -38.53 4.59 -21.43
C VAL C 115 -37.80 4.08 -22.66
N ILE C 116 -36.74 4.79 -23.06
CA ILE C 116 -35.98 4.47 -24.26
C ILE C 116 -34.55 4.15 -23.85
N ALA C 117 -34.04 3.01 -24.29
CA ALA C 117 -32.69 2.59 -23.94
C ALA C 117 -32.00 2.01 -25.17
N TRP C 118 -30.67 2.03 -25.14
CA TRP C 118 -29.88 1.43 -26.20
C TRP C 118 -28.49 1.12 -25.67
N ASN C 119 -27.85 0.12 -26.29
CA ASN C 119 -26.51 -0.25 -25.91
C ASN C 119 -25.52 0.82 -26.37
N SER C 120 -24.59 1.18 -25.48
CA SER C 120 -23.63 2.24 -25.74
C SER C 120 -22.21 1.78 -25.44
N ASN C 121 -21.95 0.48 -25.60
CA ASN C 121 -20.66 -0.09 -25.21
C ASN C 121 -19.50 0.56 -25.93
N ASN C 122 -19.73 1.07 -27.15
CA ASN C 122 -18.65 1.70 -27.91
C ASN C 122 -18.33 3.10 -27.41
N LEU C 123 -19.34 3.83 -26.94
CA LEU C 123 -19.15 5.21 -26.49
C LEU C 123 -18.71 5.32 -25.04
N ASP C 124 -19.18 4.41 -24.18
CA ASP C 124 -19.05 4.57 -22.74
C ASP C 124 -18.09 3.57 -22.11
N SER C 125 -17.33 2.83 -22.92
CA SER C 125 -16.33 1.91 -22.39
C SER C 125 -14.93 2.39 -22.77
N LYS C 126 -13.99 2.12 -21.88
CA LYS C 126 -12.57 2.37 -22.12
C LYS C 126 -11.80 1.12 -21.73
N VAL C 127 -10.70 0.87 -22.43
CA VAL C 127 -9.86 -0.27 -22.09
C VAL C 127 -9.26 -0.03 -20.70
N GLY C 128 -9.37 -1.05 -19.85
CA GLY C 128 -9.00 -0.89 -18.45
C GLY C 128 -10.06 -0.27 -17.58
N GLY C 129 -11.20 0.14 -18.15
CA GLY C 129 -12.32 0.60 -17.37
C GLY C 129 -12.61 2.08 -17.50
N ASN C 130 -13.86 2.42 -17.81
CA ASN C 130 -14.35 3.79 -17.73
C ASN C 130 -15.06 3.94 -16.40
N TYR C 131 -14.51 4.79 -15.53
CA TYR C 131 -14.98 4.91 -14.16
C TYR C 131 -15.81 6.17 -13.94
N ASN C 132 -16.11 6.93 -15.00
CA ASN C 132 -16.88 8.15 -14.87
C ASN C 132 -18.32 7.87 -14.45
N TYR C 133 -18.88 6.73 -14.82
CA TYR C 133 -20.28 6.43 -14.54
C TYR C 133 -20.40 5.71 -13.20
N LEU C 134 -21.10 6.35 -12.26
CA LEU C 134 -21.24 5.85 -10.91
C LEU C 134 -22.70 5.50 -10.63
N TYR C 135 -22.91 4.81 -9.50
CA TYR C 135 -24.25 4.50 -9.03
C TYR C 135 -24.24 4.49 -7.51
N ARG C 136 -25.38 4.79 -6.90
CA ARG C 136 -25.50 4.66 -5.45
C ARG C 136 -25.76 3.21 -5.09
N LEU C 137 -24.91 2.67 -4.23
CA LEU C 137 -25.00 1.28 -3.79
C LEU C 137 -25.70 1.13 -2.43
N PHE C 138 -25.60 2.12 -1.55
CA PHE C 138 -26.19 2.03 -0.22
C PHE C 138 -27.07 3.25 0.06
N ARG C 139 -28.20 3.01 0.72
CA ARG C 139 -29.09 4.07 1.19
C ARG C 139 -30.03 3.48 2.23
N LYS C 140 -30.28 4.23 3.31
CA LYS C 140 -31.14 3.72 4.37
C LYS C 140 -32.62 3.87 4.06
N SER C 141 -32.99 4.60 3.01
CA SER C 141 -34.37 4.74 2.55
C SER C 141 -34.40 4.70 1.03
N ASN C 142 -35.48 4.13 0.49
CA ASN C 142 -35.68 4.17 -0.95
C ASN C 142 -36.05 5.57 -1.41
N LEU C 143 -35.69 5.88 -2.65
CA LEU C 143 -36.04 7.17 -3.23
C LEU C 143 -37.55 7.28 -3.45
N LYS C 144 -38.06 8.50 -3.29
CA LYS C 144 -39.38 8.83 -3.83
C LYS C 144 -39.27 8.95 -5.34
N PRO C 145 -40.38 8.81 -6.06
CA PRO C 145 -40.33 8.97 -7.52
C PRO C 145 -39.74 10.32 -7.91
N PHE C 146 -38.81 10.27 -8.87
CA PHE C 146 -38.13 11.45 -9.43
C PHE C 146 -37.28 12.19 -8.38
N GLU C 147 -36.99 11.54 -7.26
CA GLU C 147 -36.04 12.09 -6.29
C GLU C 147 -34.61 11.86 -6.78
N ARG C 148 -33.75 12.86 -6.59
CA ARG C 148 -32.35 12.80 -7.03
CA ARG C 148 -32.36 12.81 -7.03
C ARG C 148 -31.46 13.06 -5.82
N ASP C 149 -30.70 12.04 -5.43
CA ASP C 149 -29.79 12.10 -4.30
C ASP C 149 -28.36 12.09 -4.83
N ILE C 150 -27.64 13.19 -4.63
CA ILE C 150 -26.24 13.29 -5.03
C ILE C 150 -25.32 13.45 -3.83
N SER C 151 -25.82 13.20 -2.63
CA SER C 151 -25.01 13.32 -1.43
C SER C 151 -23.98 12.19 -1.38
N THR C 152 -22.93 12.40 -0.58
CA THR C 152 -21.85 11.45 -0.45
C THR C 152 -21.51 11.21 1.02
N GLU C 153 -22.53 11.14 1.87
CA GLU C 153 -22.32 10.83 3.27
C GLU C 153 -21.87 9.38 3.43
N ILE C 154 -21.12 9.11 4.50
CA ILE C 154 -20.73 7.75 4.80
C ILE C 154 -21.92 6.98 5.34
N TYR C 155 -22.17 5.80 4.79
CA TYR C 155 -23.32 4.98 5.13
C TYR C 155 -23.02 4.12 6.36
N GLN C 156 -23.82 4.28 7.41
CA GLN C 156 -23.59 3.61 8.68
C GLN C 156 -24.26 2.24 8.68
N ALA C 157 -23.49 1.19 8.40
CA ALA C 157 -24.05 -0.16 8.29
C ALA C 157 -24.23 -0.83 9.65
N GLY C 158 -23.60 -0.32 10.70
CA GLY C 158 -23.78 -0.89 12.01
C GLY C 158 -24.37 0.11 13.00
N SER C 159 -24.22 -0.17 14.28
CA SER C 159 -24.77 0.70 15.32
C SER C 159 -23.77 1.75 15.78
N THR C 160 -22.61 1.81 15.20
CA THR C 160 -21.61 2.77 15.65
C THR C 160 -21.60 3.97 14.72
N PRO C 161 -21.59 5.19 15.25
CA PRO C 161 -21.46 6.36 14.38
C PRO C 161 -20.14 6.34 13.61
N CYS C 162 -20.19 6.76 12.35
CA CYS C 162 -19.05 6.67 11.45
C CYS C 162 -18.15 7.90 11.47
N ASN C 163 -18.58 9.01 12.09
CA ASN C 163 -17.81 10.24 12.18
C ASN C 163 -17.35 10.75 10.81
N GLY C 164 -18.07 10.39 9.76
CA GLY C 164 -17.66 10.80 8.42
C GLY C 164 -16.40 10.12 7.93
N VAL C 165 -16.02 9.00 8.52
CA VAL C 165 -14.80 8.27 8.16
C VAL C 165 -15.18 6.94 7.53
N GLU C 166 -14.67 6.70 6.33
CA GLU C 166 -14.83 5.41 5.67
C GLU C 166 -14.06 4.33 6.42
N GLY C 167 -14.65 3.14 6.50
CA GLY C 167 -14.03 2.07 7.26
C GLY C 167 -14.98 0.90 7.46
N PHE C 168 -14.67 0.09 8.47
CA PHE C 168 -15.51 -1.07 8.78
C PHE C 168 -16.92 -0.63 9.13
N ASN C 169 -17.91 -1.24 8.44
CA ASN C 169 -19.33 -0.91 8.61
C ASN C 169 -19.64 0.55 8.29
N CYS C 170 -18.76 1.24 7.53
CA CYS C 170 -18.90 2.67 7.25
C CYS C 170 -18.56 2.90 5.77
N TYR C 171 -19.52 2.62 4.90
CA TYR C 171 -19.26 2.53 3.46
C TYR C 171 -19.40 3.88 2.78
N PHE C 172 -18.53 4.13 1.83
CA PHE C 172 -18.79 5.20 0.88
C PHE C 172 -19.97 4.77 0.03
N PRO C 173 -20.96 5.64 -0.22
CA PRO C 173 -22.23 5.18 -0.78
C PRO C 173 -22.21 4.96 -2.28
N LEU C 174 -21.26 5.54 -3.00
CA LEU C 174 -21.20 5.42 -4.44
C LEU C 174 -20.15 4.39 -4.84
N GLN C 175 -20.36 3.78 -6.01
CA GLN C 175 -19.45 2.81 -6.58
C GLN C 175 -19.43 3.03 -8.08
N SER C 176 -18.42 2.49 -8.76
CA SER C 176 -18.25 2.75 -10.18
C SER C 176 -18.66 1.54 -11.01
N TYR C 177 -19.21 1.82 -12.18
CA TYR C 177 -19.52 0.74 -13.12
C TYR C 177 -18.25 0.13 -13.69
N GLY C 178 -17.25 0.95 -14.00
CA GLY C 178 -16.00 0.46 -14.54
C GLY C 178 -16.18 -0.23 -15.87
N PHE C 179 -16.73 0.48 -16.84
CA PHE C 179 -17.19 -0.15 -18.08
C PHE C 179 -16.00 -0.54 -18.94
N GLN C 180 -15.78 -1.84 -19.08
CA GLN C 180 -14.77 -2.42 -19.94
C GLN C 180 -15.42 -3.01 -21.19
N PRO C 181 -14.90 -2.72 -22.38
CA PRO C 181 -15.54 -3.21 -23.62
C PRO C 181 -15.64 -4.72 -23.73
N THR C 182 -15.01 -5.48 -22.84
CA THR C 182 -15.04 -6.94 -22.89
C THR C 182 -16.07 -7.55 -21.95
N ASN C 183 -16.88 -6.73 -21.28
CA ASN C 183 -17.89 -7.27 -20.38
C ASN C 183 -19.04 -7.90 -21.16
N GLY C 184 -19.67 -8.89 -20.55
CA GLY C 184 -20.91 -9.41 -21.11
C GLY C 184 -21.95 -8.33 -21.27
N VAL C 185 -22.91 -8.58 -22.17
CA VAL C 185 -23.90 -7.56 -22.52
C VAL C 185 -24.66 -7.10 -21.28
N GLY C 186 -24.81 -7.98 -20.29
CA GLY C 186 -25.46 -7.57 -19.05
C GLY C 186 -24.68 -6.51 -18.30
N TYR C 187 -23.35 -6.53 -18.40
CA TYR C 187 -22.50 -5.57 -17.72
C TYR C 187 -21.99 -4.48 -18.65
N GLN C 188 -22.66 -4.27 -19.76
CA GLN C 188 -22.25 -3.24 -20.68
C GLN C 188 -23.05 -1.96 -20.47
N PRO C 189 -22.49 -0.81 -20.82
CA PRO C 189 -23.23 0.45 -20.61
C PRO C 189 -24.43 0.55 -21.53
N TYR C 190 -25.51 1.08 -20.99
CA TYR C 190 -26.73 1.36 -21.75
C TYR C 190 -27.17 2.78 -21.44
N ARG C 191 -27.39 3.57 -22.48
CA ARG C 191 -27.91 4.92 -22.32
C ARG C 191 -29.42 4.86 -22.26
N VAL C 192 -29.99 5.62 -21.31
CA VAL C 192 -31.42 5.62 -21.07
C VAL C 192 -31.95 7.05 -21.17
N VAL C 193 -33.10 7.21 -21.83
CA VAL C 193 -33.81 8.48 -21.87
C VAL C 193 -35.25 8.20 -21.47
N VAL C 194 -35.71 8.86 -20.39
CA VAL C 194 -37.06 8.70 -19.88
C VAL C 194 -37.83 9.97 -20.21
N LEU C 195 -38.87 9.84 -21.02
CA LEU C 195 -39.76 10.94 -21.32
C LEU C 195 -40.94 10.95 -20.34
N SER C 196 -41.31 12.13 -19.88
CA SER C 196 -42.44 12.29 -18.96
C SER C 196 -43.41 13.29 -19.56
N PHE C 197 -44.66 12.86 -19.74
CA PHE C 197 -45.70 13.70 -20.35
C PHE C 197 -46.57 14.25 -19.23
N GLU C 198 -46.49 15.56 -19.02
CA GLU C 198 -47.16 16.24 -17.93
C GLU C 198 -48.26 17.13 -18.50
N LEU C 199 -49.48 16.96 -17.99
CA LEU C 199 -50.65 17.69 -18.47
C LEU C 199 -51.24 18.48 -17.30
N LEU C 200 -51.00 19.78 -17.29
CA LEU C 200 -51.47 20.67 -16.24
C LEU C 200 -52.64 21.52 -16.75
N HIS C 201 -53.20 22.32 -15.84
CA HIS C 201 -54.22 23.30 -16.19
C HIS C 201 -53.57 24.55 -16.79
N ALA C 202 -52.87 24.33 -17.89
CA ALA C 202 -52.10 25.38 -18.56
C ALA C 202 -51.99 25.02 -20.03
N PRO C 203 -51.82 26.01 -20.90
CA PRO C 203 -51.78 25.73 -22.35
C PRO C 203 -50.67 24.74 -22.70
N ALA C 204 -51.07 23.59 -23.24
CA ALA C 204 -50.12 22.62 -23.75
C ALA C 204 -49.26 23.25 -24.83
N THR C 205 -47.94 23.04 -24.72
CA THR C 205 -46.99 23.67 -25.63
C THR C 205 -46.14 22.68 -26.40
N VAL C 206 -46.24 21.39 -26.12
CA VAL C 206 -45.48 20.36 -26.83
C VAL C 206 -46.48 19.46 -27.54
N CYS C 207 -46.54 19.58 -28.86
CA CYS C 207 -47.49 18.82 -29.66
C CYS C 207 -46.74 18.06 -30.75
N GLY C 208 -47.39 17.03 -31.27
CA GLY C 208 -46.92 16.37 -32.46
C GLY C 208 -47.18 17.22 -33.69
N PRO C 209 -46.70 16.75 -34.85
CA PRO C 209 -46.91 17.50 -36.09
C PRO C 209 -48.39 17.65 -36.46
N LYS C 210 -49.25 16.76 -35.97
CA LYS C 210 -50.64 16.75 -36.40
C LYS C 210 -51.51 17.72 -35.61
N LYS C 211 -51.16 17.98 -34.34
CA LYS C 211 -51.95 18.85 -33.48
C LYS C 211 -51.39 20.27 -33.40
N SER C 212 -50.54 20.67 -34.35
CA SER C 212 -49.98 22.01 -34.35
C SER C 212 -50.98 23.04 -34.88
#